data_6MKQ
#
_entry.id   6MKQ
#
_cell.length_a   62.060
_cell.length_b   62.060
_cell.length_c   134.350
_cell.angle_alpha   90.00
_cell.angle_beta   90.00
_cell.angle_gamma   90.00
#
_symmetry.space_group_name_H-M   'P 43 21 2'
#
loop_
_entity.id
_entity.type
_entity.pdbx_description
1 polymer Beta-lactamase
2 non-polymer (2S,5R)-1-formyl-5-[(sulfooxy)amino]piperidine-2-carboxamide
3 water water
#
_entity_poly.entity_id   1
_entity_poly.type   'polypeptide(L)'
_entity_poly.pdbx_seq_one_letter_code
;DEHNKNMADIEAAFEGRVGVYAINTGSGKAYSYRANERFPLCSSFKAFLAAAVLKMDQDSPGVLLEKVNYHNRTMEPHSP
ITEKFQSQGMAVGELAAATLQYSDNGAANLLMEKYIKGPEGMTQFMNSIGDTKFRLDRWELDLNSAIPGDERDTSTPKAV
AESLNKLISNTVLDNYHQEIFKKWMIGNTTGDNRIRAAVPDGWVVGDKTGTCGKYGTANDHAFILQGNNAAPLILSIYTT
RKGEHMKHDDEVIAKAARIAIENVK
;
_entity_poly.pdbx_strand_id   A
#
loop_
_chem_comp.id
_chem_comp.type
_chem_comp.name
_chem_comp.formula
NXL non-polymer (2S,5R)-1-formyl-5-[(sulfooxy)amino]piperidine-2-carboxamide 'C7 H13 N3 O6 S'
#
# COMPACT_ATOMS: atom_id res chain seq x y z
N ASN A 4 -16.80 19.54 1.77
CA ASN A 4 -16.34 18.66 2.84
C ASN A 4 -17.44 17.71 3.33
N LYS A 5 -18.69 17.96 2.94
CA LYS A 5 -19.78 17.09 3.36
C LYS A 5 -19.97 15.89 2.44
N ASN A 6 -19.39 15.92 1.23
CA ASN A 6 -19.49 14.79 0.32
C ASN A 6 -18.23 14.75 -0.54
N MET A 7 -18.02 13.58 -1.17
CA MET A 7 -16.77 13.34 -1.89
C MET A 7 -16.59 14.24 -3.09
N ALA A 8 -17.69 14.55 -3.80
CA ALA A 8 -17.58 15.43 -4.97
C ALA A 8 -17.09 16.81 -4.57
N ASP A 9 -17.53 17.32 -3.42
CA ASP A 9 -17.08 18.64 -2.97
C ASP A 9 -15.61 18.58 -2.53
N ILE A 10 -15.22 17.51 -1.85
CA ILE A 10 -13.82 17.36 -1.49
C ILE A 10 -12.95 17.36 -2.75
N GLU A 11 -13.36 16.60 -3.78
CA GLU A 11 -12.55 16.49 -4.98
C GLU A 11 -12.51 17.82 -5.73
N ALA A 12 -13.63 18.53 -5.80
CA ALA A 12 -13.65 19.79 -6.53
C ALA A 12 -12.71 20.81 -5.90
N ALA A 13 -12.71 20.89 -4.56
CA ALA A 13 -11.84 21.84 -3.87
C ALA A 13 -10.38 21.40 -3.89
N PHE A 14 -10.12 20.08 -3.85
CA PHE A 14 -8.78 19.55 -4.03
C PHE A 14 -8.23 19.90 -5.41
N GLU A 15 -9.10 20.05 -6.40
CA GLU A 15 -8.71 20.30 -7.78
C GLU A 15 -7.80 19.18 -8.27
N GLY A 16 -8.41 18.03 -8.53
CA GLY A 16 -7.69 16.86 -9.01
C GLY A 16 -8.66 15.70 -9.07
N ARG A 17 -8.12 14.49 -8.94
CA ARG A 17 -8.89 13.27 -8.98
C ARG A 17 -8.76 12.55 -7.65
N VAL A 18 -9.89 12.14 -7.07
CA VAL A 18 -9.95 11.36 -5.84
C VAL A 18 -10.65 10.05 -6.15
N GLY A 19 -10.04 8.94 -5.75
CA GLY A 19 -10.63 7.63 -5.94
C GLY A 19 -10.71 6.88 -4.63
N VAL A 20 -11.89 6.33 -4.33
CA VAL A 20 -12.16 5.77 -3.01
C VAL A 20 -12.94 4.49 -3.17
N TYR A 21 -12.52 3.43 -2.49
CA TYR A 21 -13.33 2.24 -2.29
C TYR A 21 -13.24 1.83 -0.84
N ALA A 22 -14.39 1.53 -0.23
CA ALA A 22 -14.44 1.05 1.14
C ALA A 22 -15.46 -0.08 1.24
N ILE A 23 -15.17 -1.04 2.10
CA ILE A 23 -16.11 -2.14 2.30
C ILE A 23 -16.04 -2.59 3.76
N ASN A 24 -17.23 -2.79 4.33
CA ASN A 24 -17.38 -3.43 5.65
C ASN A 24 -17.41 -4.93 5.42
N THR A 25 -16.34 -5.62 5.83
CA THR A 25 -16.26 -7.04 5.51
C THR A 25 -17.19 -7.90 6.36
N GLY A 26 -17.87 -7.31 7.33
CA GLY A 26 -18.87 -8.04 8.09
C GLY A 26 -20.24 -7.96 7.47
N SER A 27 -20.67 -6.74 7.14
CA SER A 27 -22.00 -6.51 6.59
C SER A 27 -22.04 -6.59 5.07
N GLY A 28 -20.92 -6.38 4.40
CA GLY A 28 -20.90 -6.27 2.96
C GLY A 28 -21.18 -4.89 2.41
N LYS A 29 -21.52 -3.93 3.26
CA LYS A 29 -21.80 -2.58 2.79
C LYS A 29 -20.54 -1.96 2.17
N ALA A 30 -20.70 -1.39 0.98
CA ALA A 30 -19.56 -0.81 0.26
C ALA A 30 -19.86 0.63 -0.13
N TYR A 31 -18.79 1.35 -0.45
CA TYR A 31 -18.86 2.73 -0.90
C TYR A 31 -17.82 2.93 -2.01
N SER A 32 -18.23 3.57 -3.10
CA SER A 32 -17.38 3.70 -4.28
C SER A 32 -17.42 5.12 -4.81
N TYR A 33 -16.26 5.70 -5.09
CA TYR A 33 -16.16 6.98 -5.80
C TYR A 33 -14.94 6.92 -6.71
N ARG A 34 -15.18 6.83 -8.02
CA ARG A 34 -14.10 6.58 -8.98
C ARG A 34 -13.31 5.33 -8.57
N ALA A 35 -14.00 4.35 -7.98
CA ALA A 35 -13.35 3.18 -7.40
C ALA A 35 -12.67 2.31 -8.46
N ASN A 36 -13.11 2.41 -9.71
CA ASN A 36 -12.59 1.59 -10.79
C ASN A 36 -11.74 2.39 -11.77
N GLU A 37 -11.39 3.63 -11.43
CA GLU A 37 -10.46 4.40 -12.23
C GLU A 37 -9.04 4.16 -11.75
N ARG A 38 -8.08 4.37 -12.65
CA ARG A 38 -6.67 4.08 -12.37
C ARG A 38 -5.98 5.29 -11.76
N PHE A 39 -5.08 5.01 -10.81
CA PHE A 39 -4.25 6.00 -10.12
C PHE A 39 -2.87 5.43 -9.98
N PRO A 40 -1.83 6.27 -9.86
CA PRO A 40 -0.48 5.77 -9.62
C PRO A 40 -0.39 5.06 -8.28
N LEU A 41 0.38 3.97 -8.24
CA LEU A 41 0.54 3.22 -7.00
C LEU A 41 1.50 3.93 -6.03
N CYS A 42 2.55 4.56 -6.56
CA CYS A 42 3.61 5.11 -5.72
C CYS A 42 4.10 4.01 -4.80
N SER A 43 4.42 4.33 -3.54
CA SER A 43 4.95 3.35 -2.60
C SER A 43 3.94 2.26 -2.20
N SER A 44 2.67 2.41 -2.54
CA SER A 44 1.64 1.57 -1.95
C SER A 44 1.76 0.10 -2.36
N PHE A 45 2.47 -0.20 -3.45
CA PHE A 45 2.67 -1.60 -3.81
C PHE A 45 3.54 -2.34 -2.80
N LYS A 46 4.27 -1.61 -1.95
CA LYS A 46 5.26 -2.24 -1.08
C LYS A 46 4.60 -3.13 -0.01
N ALA A 47 3.34 -2.87 0.35
CA ALA A 47 2.65 -3.79 1.26
C ALA A 47 2.46 -5.15 0.59
N PHE A 48 2.09 -5.12 -0.70
CA PHE A 48 1.89 -6.37 -1.43
C PHE A 48 3.22 -7.07 -1.72
N LEU A 49 4.29 -6.31 -1.94
CA LEU A 49 5.61 -6.91 -2.05
C LEU A 49 5.95 -7.68 -0.79
N ALA A 50 5.74 -7.07 0.38
CA ALA A 50 6.03 -7.76 1.64
C ALA A 50 5.20 -9.03 1.76
N ALA A 51 3.93 -8.97 1.33
CA ALA A 51 3.08 -10.15 1.38
C ALA A 51 3.59 -11.24 0.44
N ALA A 52 4.08 -10.86 -0.73
CA ALA A 52 4.64 -11.84 -1.66
C ALA A 52 5.88 -12.51 -1.07
N VAL A 53 6.68 -11.75 -0.31
CA VAL A 53 7.84 -12.36 0.35
C VAL A 53 7.37 -13.33 1.42
N LEU A 54 6.35 -12.95 2.18
CA LEU A 54 5.76 -13.86 3.15
C LEU A 54 5.28 -15.15 2.48
N LYS A 55 4.64 -15.02 1.31
CA LYS A 55 4.16 -16.21 0.62
C LYS A 55 5.32 -17.07 0.13
N MET A 56 6.40 -16.46 -0.36
CA MET A 56 7.55 -17.25 -0.77
C MET A 56 8.09 -18.06 0.40
N ASP A 57 8.13 -17.46 1.59
CA ASP A 57 8.57 -18.18 2.78
C ASP A 57 7.58 -19.27 3.17
N GLN A 58 6.29 -18.97 3.09
CA GLN A 58 5.27 -19.99 3.27
C GLN A 58 5.53 -21.20 2.38
N ASP A 59 5.96 -20.96 1.15
CA ASP A 59 6.21 -22.01 0.17
C ASP A 59 7.65 -22.53 0.22
N SER A 60 8.46 -22.07 1.17
CA SER A 60 9.85 -22.49 1.30
C SER A 60 10.30 -22.05 2.69
N PRO A 61 9.88 -22.74 3.74
CA PRO A 61 10.11 -22.25 5.11
C PRO A 61 11.57 -21.95 5.37
N GLY A 62 11.83 -20.73 5.83
CA GLY A 62 13.18 -20.26 6.09
C GLY A 62 13.60 -19.10 5.23
N VAL A 63 12.85 -18.78 4.17
CA VAL A 63 13.24 -17.68 3.29
C VAL A 63 13.37 -16.39 4.11
N LEU A 64 12.48 -16.18 5.07
CA LEU A 64 12.52 -14.92 5.82
C LEU A 64 13.84 -14.73 6.56
N LEU A 65 14.57 -15.82 6.82
CA LEU A 65 15.83 -15.71 7.57
C LEU A 65 17.07 -15.80 6.68
N GLU A 66 16.91 -16.00 5.38
CA GLU A 66 18.03 -15.84 4.46
C GLU A 66 18.57 -14.42 4.57
N LYS A 67 19.88 -14.27 4.41
CA LYS A 67 20.52 -12.97 4.54
C LYS A 67 20.80 -12.39 3.15
N VAL A 68 20.66 -11.07 3.04
CA VAL A 68 20.93 -10.35 1.81
C VAL A 68 22.02 -9.34 2.09
N ASN A 69 23.06 -9.34 1.25
CA ASN A 69 24.18 -8.42 1.36
C ASN A 69 24.15 -7.45 0.19
N TYR A 70 24.50 -6.19 0.46
CA TYR A 70 24.42 -5.15 -0.55
C TYR A 70 25.43 -4.04 -0.25
N HIS A 71 26.66 -4.44 0.11
CA HIS A 71 27.65 -3.49 0.61
C HIS A 71 28.02 -2.45 -0.43
N ASN A 72 28.01 -2.84 -1.71
CA ASN A 72 28.55 -2.01 -2.78
C ASN A 72 27.46 -1.25 -3.52
N ARG A 73 26.28 -1.17 -2.93
CA ARG A 73 25.14 -0.51 -3.56
C ARG A 73 25.20 0.98 -3.28
N THR A 74 24.80 1.77 -4.29
CA THR A 74 24.41 3.16 -4.08
C THR A 74 22.94 3.16 -3.63
N MET A 75 22.69 3.52 -2.38
CA MET A 75 21.36 3.37 -1.81
C MET A 75 20.38 4.35 -2.45
N GLU A 76 19.20 3.85 -2.80
CA GLU A 76 18.13 4.68 -3.32
C GLU A 76 17.70 5.71 -2.27
N PRO A 77 17.32 6.92 -2.69
CA PRO A 77 16.72 7.86 -1.74
C PRO A 77 15.55 7.21 -1.01
N HIS A 78 15.35 7.64 0.25
CA HIS A 78 14.24 7.16 1.09
C HIS A 78 14.40 5.67 1.43
N SER A 79 15.57 5.37 1.99
CA SER A 79 15.91 4.02 2.43
C SER A 79 16.30 4.08 3.90
N PRO A 80 15.38 4.48 4.79
CA PRO A 80 15.78 4.77 6.18
C PRO A 80 16.32 3.56 6.93
N ILE A 81 15.89 2.36 6.58
CA ILE A 81 16.36 1.15 7.26
C ILE A 81 17.53 0.52 6.51
N THR A 82 17.41 0.35 5.19
CA THR A 82 18.47 -0.37 4.48
C THR A 82 19.78 0.42 4.51
N GLU A 83 19.74 1.75 4.48
CA GLU A 83 20.98 2.50 4.60
C GLU A 83 21.63 2.27 5.95
N LYS A 84 20.81 2.03 6.99
CA LYS A 84 21.32 1.77 8.34
C LYS A 84 22.09 0.47 8.41
N PHE A 85 21.60 -0.57 7.74
CA PHE A 85 22.10 -1.92 7.89
C PHE A 85 23.04 -2.32 6.76
N GLN A 86 23.47 -1.37 5.91
CA GLN A 86 24.24 -1.72 4.73
C GLN A 86 25.56 -2.41 5.07
N SER A 87 26.17 -2.06 6.21
CA SER A 87 27.50 -2.58 6.50
C SER A 87 27.48 -4.08 6.72
N GLN A 88 26.35 -4.65 7.12
CA GLN A 88 26.36 -6.08 7.37
C GLN A 88 25.19 -6.82 6.76
N GLY A 89 24.31 -6.15 6.01
CA GLY A 89 23.22 -6.87 5.39
C GLY A 89 22.01 -6.97 6.28
N MET A 90 20.98 -7.58 5.70
CA MET A 90 19.70 -7.73 6.39
C MET A 90 19.08 -9.08 6.03
N ALA A 91 18.30 -9.61 6.97
CA ALA A 91 17.46 -10.75 6.69
C ALA A 91 16.32 -10.36 5.76
N VAL A 92 15.91 -11.32 4.91
CA VAL A 92 14.83 -11.08 3.95
C VAL A 92 13.57 -10.60 4.66
N GLY A 93 13.23 -11.20 5.79
CA GLY A 93 12.04 -10.79 6.52
C GLY A 93 12.13 -9.38 7.05
N GLU A 94 13.33 -8.90 7.38
CA GLU A 94 13.46 -7.52 7.83
C GLU A 94 13.42 -6.56 6.65
N LEU A 95 13.87 -6.99 5.48
CA LEU A 95 13.68 -6.18 4.27
C LEU A 95 12.20 -6.01 3.96
N ALA A 96 11.43 -7.10 4.06
CA ALA A 96 9.99 -7.01 3.82
C ALA A 96 9.35 -6.08 4.84
N ALA A 97 9.70 -6.25 6.11
CA ALA A 97 9.16 -5.36 7.14
C ALA A 97 9.54 -3.91 6.87
N ALA A 98 10.76 -3.67 6.39
CA ALA A 98 11.21 -2.31 6.17
C ALA A 98 10.49 -1.66 4.99
N THR A 99 10.32 -2.41 3.89
CA THR A 99 9.67 -1.82 2.72
C THR A 99 8.20 -1.47 3.01
N LEU A 100 7.53 -2.25 3.85
CA LEU A 100 6.16 -1.92 4.24
C LEU A 100 6.12 -0.81 5.29
N GLN A 101 6.71 -1.07 6.46
CA GLN A 101 6.50 -0.20 7.61
C GLN A 101 7.22 1.14 7.50
N TYR A 102 8.32 1.18 6.73
CA TYR A 102 9.08 2.40 6.56
C TYR A 102 9.13 2.86 5.11
N SER A 103 8.41 2.17 4.21
CA SER A 103 8.35 2.53 2.80
C SER A 103 9.73 2.55 2.16
N ASP A 104 10.62 1.67 2.62
CA ASP A 104 12.03 1.72 2.26
C ASP A 104 12.22 1.35 0.79
N ASN A 105 12.84 2.27 0.03
CA ASN A 105 13.00 2.06 -1.40
C ASN A 105 14.08 1.04 -1.71
N GLY A 106 15.23 1.13 -1.03
CA GLY A 106 16.26 0.14 -1.23
C GLY A 106 15.75 -1.27 -0.98
N ALA A 107 14.97 -1.44 0.09
CA ALA A 107 14.44 -2.76 0.40
C ALA A 107 13.57 -3.28 -0.73
N ALA A 108 12.74 -2.41 -1.32
CA ALA A 108 11.85 -2.83 -2.39
C ALA A 108 12.66 -3.32 -3.60
N ASN A 109 13.64 -2.52 -4.03
CA ASN A 109 14.45 -2.91 -5.18
C ASN A 109 15.26 -4.15 -4.87
N LEU A 110 15.81 -4.26 -3.66
CA LEU A 110 16.59 -5.45 -3.32
C LEU A 110 15.72 -6.70 -3.40
N LEU A 111 14.50 -6.64 -2.85
CA LEU A 111 13.63 -7.81 -2.86
C LEU A 111 13.19 -8.16 -4.27
N MET A 112 12.97 -7.15 -5.13
CA MET A 112 12.61 -7.41 -6.51
C MET A 112 13.80 -7.78 -7.38
N GLU A 113 15.03 -7.61 -6.87
CA GLU A 113 16.22 -8.07 -7.58
C GLU A 113 16.55 -9.52 -7.26
N LYS A 114 16.27 -9.96 -6.03
CA LYS A 114 16.79 -11.24 -5.54
C LYS A 114 15.74 -12.28 -5.21
N TYR A 115 14.49 -11.88 -4.98
CA TYR A 115 13.47 -12.83 -4.55
C TYR A 115 12.23 -12.77 -5.44
N ILE A 116 11.51 -11.67 -5.43
CA ILE A 116 10.48 -11.45 -6.42
C ILE A 116 11.17 -11.14 -7.75
N LYS A 117 10.58 -11.59 -8.85
CA LYS A 117 11.27 -11.52 -10.15
C LYS A 117 10.95 -10.19 -10.82
N GLY A 118 11.46 -9.13 -10.23
CA GLY A 118 11.31 -7.80 -10.76
C GLY A 118 9.89 -7.27 -10.68
N PRO A 119 9.66 -6.08 -11.24
CA PRO A 119 8.28 -5.57 -11.31
C PRO A 119 7.33 -6.52 -12.02
N GLU A 120 7.82 -7.21 -13.04
CA GLU A 120 7.04 -8.27 -13.69
C GLU A 120 6.59 -9.33 -12.69
N GLY A 121 7.51 -9.80 -11.84
CA GLY A 121 7.14 -10.80 -10.85
C GLY A 121 6.17 -10.26 -9.82
N MET A 122 6.33 -9.00 -9.42
CA MET A 122 5.37 -8.38 -8.53
C MET A 122 3.97 -8.40 -9.15
N THR A 123 3.87 -8.00 -10.42
CA THR A 123 2.58 -8.02 -11.11
C THR A 123 2.01 -9.43 -11.18
N GLN A 124 2.86 -10.42 -11.46
CA GLN A 124 2.39 -11.79 -11.56
C GLN A 124 1.83 -12.27 -10.24
N PHE A 125 2.48 -11.92 -9.11
CA PHE A 125 1.94 -12.29 -7.82
C PHE A 125 0.52 -11.75 -7.66
N MET A 126 0.34 -10.46 -7.93
CA MET A 126 -1.00 -9.86 -7.82
C MET A 126 -1.97 -10.55 -8.76
N ASN A 127 -1.56 -10.80 -10.00
CA ASN A 127 -2.44 -11.49 -10.94
C ASN A 127 -2.85 -12.85 -10.41
N SER A 128 -1.92 -13.58 -9.77
CA SER A 128 -2.19 -14.94 -9.33
C SER A 128 -3.19 -15.00 -8.20
N ILE A 129 -3.38 -13.91 -7.45
CA ILE A 129 -4.42 -13.87 -6.44
C ILE A 129 -5.72 -13.28 -6.99
N GLY A 130 -5.79 -13.02 -8.28
CA GLY A 130 -7.02 -12.56 -8.90
C GLY A 130 -7.12 -11.07 -9.10
N ASP A 131 -6.04 -10.33 -8.88
CA ASP A 131 -6.02 -8.88 -9.11
C ASP A 131 -5.50 -8.62 -10.52
N THR A 132 -6.41 -8.34 -11.44
CA THR A 132 -6.04 -8.13 -12.84
C THR A 132 -5.95 -6.66 -13.21
N LYS A 133 -6.05 -5.76 -12.24
CA LYS A 133 -5.85 -4.33 -12.51
C LYS A 133 -4.43 -3.88 -12.18
N PHE A 134 -3.87 -4.40 -11.10
CA PHE A 134 -2.54 -4.05 -10.66
C PHE A 134 -1.51 -4.26 -11.77
N ARG A 135 -0.69 -3.25 -12.00
CA ARG A 135 0.51 -3.42 -12.82
C ARG A 135 1.63 -2.57 -12.25
N LEU A 136 2.75 -3.24 -11.93
CA LEU A 136 4.01 -2.57 -11.65
C LEU A 136 4.94 -2.81 -12.83
N ASP A 137 5.43 -1.72 -13.42
CA ASP A 137 6.19 -1.77 -14.66
C ASP A 137 7.66 -1.40 -14.50
N ARG A 138 7.99 -0.54 -13.53
CA ARG A 138 9.34 -0.01 -13.39
C ARG A 138 9.80 -0.18 -11.95
N TRP A 139 11.09 0.07 -11.73
CA TRP A 139 11.72 -0.01 -10.43
C TRP A 139 11.61 1.32 -9.70
N GLU A 140 11.94 1.31 -8.41
CA GLU A 140 12.20 2.56 -7.70
C GLU A 140 13.44 3.21 -8.31
N LEU A 141 13.39 4.52 -8.57
CA LEU A 141 12.28 5.40 -8.23
C LEU A 141 11.48 5.84 -9.45
N ASP A 142 11.83 5.31 -10.62
CA ASP A 142 11.16 5.75 -11.84
C ASP A 142 9.67 5.41 -11.86
N LEU A 143 9.23 4.44 -11.05
CA LEU A 143 7.81 4.10 -11.04
C LEU A 143 6.95 5.23 -10.49
N ASN A 144 7.55 6.30 -9.97
CA ASN A 144 6.82 7.36 -9.29
C ASN A 144 6.45 8.54 -10.19
N SER A 145 6.65 8.44 -11.50
CA SER A 145 6.47 9.61 -12.36
C SER A 145 5.03 10.10 -12.39
N ALA A 146 4.05 9.18 -12.26
CA ALA A 146 2.64 9.55 -12.07
C ALA A 146 2.08 10.43 -13.19
N ILE A 147 2.49 10.17 -14.41
CA ILE A 147 2.07 11.00 -15.55
C ILE A 147 0.59 10.73 -15.84
N PRO A 148 -0.26 11.76 -15.92
CA PRO A 148 -1.67 11.52 -16.27
C PRO A 148 -1.79 10.80 -17.61
N GLY A 149 -2.67 9.80 -17.65
CA GLY A 149 -2.88 8.99 -18.84
C GLY A 149 -1.93 7.81 -19.00
N ASP A 150 -0.87 7.74 -18.20
CA ASP A 150 0.10 6.65 -18.26
C ASP A 150 -0.36 5.56 -17.29
N GLU A 151 -0.66 4.37 -17.82
CA GLU A 151 -1.15 3.28 -17.00
C GLU A 151 -0.03 2.46 -16.36
N ARG A 152 1.22 2.76 -16.67
CA ARG A 152 2.31 2.09 -15.98
C ARG A 152 2.24 2.35 -14.49
N ASP A 153 2.49 1.30 -13.70
CA ASP A 153 2.60 1.44 -12.26
C ASP A 153 1.33 2.03 -11.65
N THR A 154 0.18 1.51 -12.09
CA THR A 154 -1.10 1.93 -11.58
C THR A 154 -1.93 0.73 -11.12
N SER A 155 -2.98 1.05 -10.37
CA SER A 155 -4.08 0.14 -10.10
C SER A 155 -5.33 0.96 -9.84
N THR A 156 -6.39 0.33 -9.37
CA THR A 156 -7.61 1.02 -9.01
C THR A 156 -7.84 0.96 -7.50
N PRO A 157 -8.56 1.92 -6.93
CA PRO A 157 -8.85 1.83 -5.49
C PRO A 157 -9.53 0.54 -5.09
N LYS A 158 -10.46 0.05 -5.92
CA LYS A 158 -11.18 -1.17 -5.57
C LYS A 158 -10.27 -2.39 -5.61
N ALA A 159 -9.43 -2.49 -6.65
CA ALA A 159 -8.54 -3.65 -6.75
C ALA A 159 -7.59 -3.71 -5.56
N VAL A 160 -7.05 -2.55 -5.15
CA VAL A 160 -6.16 -2.50 -4.00
C VAL A 160 -6.90 -2.98 -2.75
N ALA A 161 -8.12 -2.48 -2.53
CA ALA A 161 -8.89 -2.89 -1.36
C ALA A 161 -9.15 -4.39 -1.39
N GLU A 162 -9.59 -4.91 -2.55
CA GLU A 162 -9.94 -6.33 -2.62
C GLU A 162 -8.71 -7.22 -2.42
N SER A 163 -7.55 -6.78 -2.92
CA SER A 163 -6.34 -7.58 -2.73
C SER A 163 -5.89 -7.57 -1.28
N LEU A 164 -5.99 -6.43 -0.60
CA LEU A 164 -5.70 -6.38 0.83
C LEU A 164 -6.64 -7.31 1.59
N ASN A 165 -7.94 -7.27 1.28
CA ASN A 165 -8.89 -8.17 1.93
C ASN A 165 -8.50 -9.63 1.73
N LYS A 166 -8.14 -10.00 0.50
CA LYS A 166 -7.69 -11.37 0.24
C LYS A 166 -6.51 -11.73 1.14
N LEU A 167 -5.61 -10.78 1.38
CA LEU A 167 -4.43 -11.07 2.15
C LEU A 167 -4.70 -11.21 3.64
N ILE A 168 -5.90 -10.85 4.12
CA ILE A 168 -6.24 -11.05 5.51
C ILE A 168 -7.44 -11.98 5.68
N SER A 169 -7.91 -12.62 4.61
CA SER A 169 -9.13 -13.43 4.66
C SER A 169 -8.88 -14.89 4.27
N ASN A 170 -7.65 -15.37 4.44
CA ASN A 170 -7.33 -16.80 4.34
C ASN A 170 -7.43 -17.33 2.90
N THR A 171 -7.05 -16.52 1.92
CA THR A 171 -7.10 -16.96 0.54
C THR A 171 -5.71 -17.14 -0.08
N VAL A 172 -4.67 -16.61 0.56
CA VAL A 172 -3.33 -16.57 -0.03
C VAL A 172 -2.32 -17.00 1.02
N LEU A 173 -2.36 -16.31 2.14
CA LEU A 173 -1.45 -16.53 3.25
C LEU A 173 -2.11 -17.41 4.30
N ASP A 174 -1.34 -18.35 4.85
CA ASP A 174 -1.85 -19.12 5.98
C ASP A 174 -1.90 -18.22 7.22
N ASN A 175 -2.45 -18.74 8.31
CA ASN A 175 -2.78 -17.87 9.43
C ASN A 175 -1.51 -17.36 10.12
N TYR A 176 -0.44 -18.15 10.13
CA TYR A 176 0.82 -17.68 10.67
C TYR A 176 1.34 -16.48 9.88
N HIS A 177 1.37 -16.59 8.56
CA HIS A 177 1.90 -15.51 7.74
C HIS A 177 0.95 -14.34 7.64
N GLN A 178 -0.35 -14.58 7.64
CA GLN A 178 -1.31 -13.49 7.73
C GLN A 178 -1.07 -12.65 8.98
N GLU A 179 -0.82 -13.31 10.11
CA GLU A 179 -0.66 -12.58 11.36
C GLU A 179 0.57 -11.68 11.33
N ILE A 180 1.66 -12.15 10.72
CA ILE A 180 2.84 -11.31 10.55
C ILE A 180 2.51 -10.13 9.65
N PHE A 181 1.83 -10.39 8.53
CA PHE A 181 1.46 -9.31 7.61
C PHE A 181 0.61 -8.27 8.32
N LYS A 182 -0.36 -8.70 9.12
CA LYS A 182 -1.25 -7.76 9.79
C LYS A 182 -0.52 -6.98 10.88
N LYS A 183 0.40 -7.63 11.60
CA LYS A 183 1.21 -6.90 12.57
C LYS A 183 2.10 -5.87 11.88
N TRP A 184 2.62 -6.20 10.70
CA TRP A 184 3.43 -5.22 9.97
C TRP A 184 2.58 -4.01 9.60
N MET A 185 1.40 -4.26 9.03
CA MET A 185 0.51 -3.16 8.64
C MET A 185 0.13 -2.32 9.86
N ILE A 186 -0.18 -2.96 10.98
CA ILE A 186 -0.57 -2.22 12.17
C ILE A 186 0.61 -1.39 12.67
N GLY A 187 1.82 -1.89 12.51
CA GLY A 187 3.01 -1.17 12.91
C GLY A 187 3.54 -0.19 11.88
N ASN A 188 2.78 0.09 10.83
CA ASN A 188 3.26 1.03 9.81
C ASN A 188 3.54 2.38 10.46
N THR A 189 4.63 3.04 10.02
CA THR A 189 5.06 4.25 10.69
C THR A 189 4.67 5.53 9.95
N THR A 190 4.10 5.45 8.75
CA THR A 190 3.99 6.62 7.89
C THR A 190 2.57 7.12 7.66
N GLY A 191 1.58 6.60 8.36
CA GLY A 191 0.21 6.91 7.97
C GLY A 191 -0.60 7.73 8.94
N ASP A 192 0.05 8.38 9.90
CA ASP A 192 -0.69 9.02 10.97
C ASP A 192 -1.55 10.18 10.49
N ASN A 193 -1.27 10.74 9.32
CA ASN A 193 -1.98 11.91 8.82
C ASN A 193 -3.00 11.59 7.74
N ARG A 194 -3.19 10.31 7.42
CA ARG A 194 -4.13 9.91 6.38
C ARG A 194 -5.29 9.15 7.02
N ILE A 195 -5.47 7.88 6.68
CA ILE A 195 -6.67 7.18 7.14
C ILE A 195 -6.71 7.17 8.67
N ARG A 196 -5.57 6.97 9.32
CA ARG A 196 -5.56 6.92 10.78
C ARG A 196 -6.06 8.23 11.39
N ALA A 197 -5.89 9.34 10.70
CA ALA A 197 -6.34 10.63 11.21
C ALA A 197 -7.85 10.77 11.16
N ALA A 198 -8.54 9.82 10.55
CA ALA A 198 -9.98 9.86 10.39
C ALA A 198 -10.71 8.93 11.34
N VAL A 199 -10.00 8.17 12.17
CA VAL A 199 -10.66 7.15 12.99
C VAL A 199 -10.66 7.56 14.45
N PRO A 200 -11.66 7.15 15.23
CA PRO A 200 -11.64 7.44 16.66
C PRO A 200 -10.45 6.79 17.35
N ASP A 201 -9.97 7.46 18.40
CA ASP A 201 -9.07 6.81 19.33
C ASP A 201 -9.71 5.50 19.81
N GLY A 202 -8.90 4.44 19.84
CA GLY A 202 -9.36 3.12 20.26
C GLY A 202 -9.51 2.15 19.12
N TRP A 203 -9.76 2.64 17.91
CA TRP A 203 -9.74 1.78 16.73
C TRP A 203 -8.29 1.54 16.32
N VAL A 204 -8.03 0.36 15.74
CA VAL A 204 -6.69 -0.02 15.32
C VAL A 204 -6.66 -0.07 13.80
N VAL A 205 -5.63 0.54 13.22
CA VAL A 205 -5.51 0.68 11.77
C VAL A 205 -4.22 0.04 11.31
N GLY A 206 -4.30 -0.79 10.28
CA GLY A 206 -3.14 -1.26 9.57
C GLY A 206 -3.18 -0.68 8.17
N ASP A 207 -2.14 0.04 7.77
CA ASP A 207 -2.20 0.81 6.53
C ASP A 207 -0.85 0.84 5.83
N LYS A 208 -0.89 1.15 4.54
CA LYS A 208 0.29 1.44 3.75
C LYS A 208 0.04 2.66 2.88
N THR A 209 0.92 3.65 2.97
CA THR A 209 0.82 4.92 2.26
C THR A 209 1.59 4.89 0.96
N GLY A 210 1.32 5.88 0.11
CA GLY A 210 2.12 6.13 -1.08
C GLY A 210 2.13 7.62 -1.43
N THR A 211 3.28 8.14 -1.88
CA THR A 211 3.45 9.57 -2.15
C THR A 211 4.48 9.70 -3.27
N CYS A 212 4.00 9.82 -4.51
CA CYS A 212 4.91 9.73 -5.66
C CYS A 212 5.91 10.87 -5.69
N GLY A 213 5.55 12.05 -5.18
CA GLY A 213 6.37 13.23 -5.37
C GLY A 213 6.12 13.95 -6.67
N LYS A 214 5.14 13.51 -7.45
CA LYS A 214 4.80 14.12 -8.73
C LYS A 214 3.29 14.17 -8.88
N TYR A 215 2.81 15.22 -9.56
CA TYR A 215 1.39 15.38 -9.87
C TYR A 215 0.53 15.32 -8.61
N GLY A 216 1.07 15.80 -7.49
CA GLY A 216 0.31 15.89 -6.25
C GLY A 216 -0.31 14.56 -5.86
N THR A 217 0.42 13.48 -6.04
CA THR A 217 -0.14 12.13 -5.97
C THR A 217 0.14 11.51 -4.61
N ALA A 218 -0.91 11.10 -3.92
CA ALA A 218 -0.75 10.48 -2.60
C ALA A 218 -1.93 9.55 -2.35
N ASN A 219 -1.66 8.49 -1.59
CA ASN A 219 -2.67 7.47 -1.34
C ASN A 219 -2.41 6.79 0.00
N ASP A 220 -3.38 5.98 0.41
CA ASP A 220 -3.38 5.21 1.64
C ASP A 220 -4.42 4.10 1.49
N HIS A 221 -4.10 2.90 1.93
CA HIS A 221 -5.10 1.84 2.02
C HIS A 221 -4.89 1.13 3.35
N ALA A 222 -5.97 0.56 3.88
CA ALA A 222 -5.90 0.05 5.24
C ALA A 222 -7.02 -0.93 5.52
N PHE A 223 -6.80 -1.74 6.57
CA PHE A 223 -7.89 -2.38 7.29
C PHE A 223 -8.03 -1.70 8.64
N ILE A 224 -9.26 -1.64 9.12
CA ILE A 224 -9.61 -0.86 10.30
C ILE A 224 -10.38 -1.76 11.24
N LEU A 225 -9.90 -1.89 12.47
CA LEU A 225 -10.50 -2.74 13.49
C LEU A 225 -11.19 -1.85 14.51
N GLN A 226 -12.52 -1.87 14.51
CA GLN A 226 -13.27 -1.07 15.47
C GLN A 226 -13.18 -1.63 16.89
N GLY A 227 -12.78 -2.89 17.03
CA GLY A 227 -12.80 -3.54 18.33
C GLY A 227 -14.10 -4.25 18.59
N ASN A 228 -14.21 -4.81 19.80
CA ASN A 228 -15.39 -5.59 20.17
C ASN A 228 -15.66 -6.69 19.15
N ASN A 229 -14.55 -7.23 18.60
CA ASN A 229 -14.54 -8.34 17.65
C ASN A 229 -15.21 -8.01 16.32
N ALA A 230 -15.34 -6.73 15.98
CA ALA A 230 -15.95 -6.37 14.71
C ALA A 230 -15.07 -6.83 13.55
N ALA A 231 -15.70 -7.30 12.48
CA ALA A 231 -14.98 -7.59 11.25
C ALA A 231 -14.34 -6.32 10.71
N PRO A 232 -13.21 -6.42 10.01
CA PRO A 232 -12.52 -5.21 9.56
C PRO A 232 -13.31 -4.42 8.51
N LEU A 233 -13.08 -3.11 8.53
CA LEU A 233 -13.37 -2.27 7.38
C LEU A 233 -12.12 -2.22 6.51
N ILE A 234 -12.31 -2.24 5.20
CA ILE A 234 -11.24 -2.01 4.23
C ILE A 234 -11.48 -0.65 3.57
N LEU A 235 -10.44 0.18 3.51
CA LEU A 235 -10.51 1.48 2.88
C LEU A 235 -9.31 1.66 1.96
N SER A 236 -9.56 2.23 0.78
CA SER A 236 -8.54 2.46 -0.22
C SER A 236 -8.78 3.83 -0.83
N ILE A 237 -7.78 4.70 -0.75
CA ILE A 237 -7.94 6.10 -1.16
C ILE A 237 -6.73 6.53 -1.97
N TYR A 238 -6.97 6.93 -3.22
CA TYR A 238 -5.93 7.35 -4.15
C TYR A 238 -6.28 8.73 -4.69
N THR A 239 -5.25 9.57 -4.82
CA THR A 239 -5.45 10.93 -5.33
C THR A 239 -4.31 11.28 -6.27
N THR A 240 -4.59 12.19 -7.21
CA THR A 240 -3.59 12.73 -8.12
C THR A 240 -4.15 14.01 -8.70
N ARG A 241 -3.28 14.76 -9.37
CA ARG A 241 -3.62 16.10 -9.85
C ARG A 241 -3.01 16.31 -11.23
N LYS A 242 -3.33 17.46 -11.83
CA LYS A 242 -3.02 17.67 -13.24
C LYS A 242 -1.63 18.23 -13.50
N GLY A 243 -1.06 19.00 -12.57
CA GLY A 243 0.20 19.68 -12.79
C GLY A 243 1.36 18.87 -12.19
N GLU A 244 2.43 18.77 -12.96
CA GLU A 244 3.53 17.87 -12.59
C GLU A 244 4.07 18.17 -11.19
N HIS A 245 4.17 19.45 -10.84
CA HIS A 245 4.81 19.84 -9.59
C HIS A 245 3.81 20.31 -8.54
N MET A 246 2.52 20.09 -8.79
CA MET A 246 1.51 20.35 -7.77
C MET A 246 1.76 19.48 -6.55
N LYS A 247 1.41 20.01 -5.39
CA LYS A 247 1.63 19.32 -4.12
C LYS A 247 0.42 18.46 -3.78
N HIS A 248 0.66 17.42 -2.99
CA HIS A 248 -0.41 16.58 -2.48
C HIS A 248 -0.96 17.17 -1.19
N ASP A 249 -1.99 16.54 -0.63
CA ASP A 249 -2.61 17.07 0.58
C ASP A 249 -3.14 15.91 1.43
N ASP A 250 -2.43 15.62 2.53
CA ASP A 250 -2.86 14.60 3.47
C ASP A 250 -4.28 14.83 3.97
N GLU A 251 -4.64 16.10 4.20
CA GLU A 251 -5.94 16.38 4.79
C GLU A 251 -7.07 15.99 3.87
N VAL A 252 -6.83 16.00 2.56
CA VAL A 252 -7.87 15.57 1.63
C VAL A 252 -8.12 14.08 1.78
N ILE A 253 -7.05 13.28 1.90
CA ILE A 253 -7.19 11.86 2.12
C ILE A 253 -7.94 11.59 3.43
N ALA A 254 -7.60 12.34 4.49
CA ALA A 254 -8.29 12.16 5.76
C ALA A 254 -9.77 12.50 5.65
N LYS A 255 -10.09 13.59 4.93
CA LYS A 255 -11.50 13.95 4.74
C LYS A 255 -12.25 12.86 3.98
N ALA A 256 -11.63 12.32 2.92
CA ALA A 256 -12.27 11.25 2.17
C ALA A 256 -12.47 10.03 3.05
N ALA A 257 -11.51 9.74 3.93
CA ALA A 257 -11.62 8.59 4.82
C ALA A 257 -12.83 8.72 5.74
N ARG A 258 -13.06 9.91 6.29
CA ARG A 258 -14.22 10.11 7.17
C ARG A 258 -15.52 9.81 6.42
N ILE A 259 -15.65 10.33 5.20
CA ILE A 259 -16.85 10.06 4.41
C ILE A 259 -17.01 8.56 4.19
N ALA A 260 -15.94 7.90 3.74
CA ALA A 260 -16.03 6.48 3.40
C ALA A 260 -16.36 5.64 4.61
N ILE A 261 -15.76 5.96 5.77
CA ILE A 261 -16.05 5.22 6.99
C ILE A 261 -17.52 5.40 7.38
N GLU A 262 -18.02 6.63 7.32
CA GLU A 262 -19.40 6.89 7.69
C GLU A 262 -20.36 6.07 6.84
N ASN A 263 -20.01 5.82 5.58
CA ASN A 263 -20.94 5.15 4.68
C ASN A 263 -20.83 3.63 4.70
N VAL A 264 -19.83 3.05 5.36
CA VAL A 264 -19.75 1.59 5.44
C VAL A 264 -19.84 1.06 6.87
N LYS A 265 -19.63 1.89 7.87
CA LYS A 265 -19.68 1.46 9.27
C LYS A 265 -21.05 0.89 9.66
OAC NXL B . 5.74 6.37 -2.48
CAN NXL B . 6.66 6.00 -1.79
N NXL B . 7.65 6.68 -1.41
CAJ NXL B . 8.67 6.17 -0.48
CA NXL B . 7.85 8.00 -1.97
C NXL B . 9.07 7.91 -2.93
O NXL B . 9.56 6.87 -3.23
NAA NXL B . 9.62 9.15 -3.45
CB NXL B . 8.08 9.01 -0.88
CAH NXL B . 9.09 8.54 0.20
CAO NXL B . 8.89 7.10 0.70
NAK NXL B . 7.74 6.95 1.60
OAL NXL B . 6.75 7.96 1.50
SAR NXL B . 5.28 7.16 1.69
OAD NXL B . 5.06 6.60 3.02
OAE NXL B . 4.09 7.97 1.49
OAG NXL B . 5.12 6.04 0.78
H2 NXL B . 8.40 5.30 -0.15
H3 NXL B . 9.51 6.06 -0.96
H4 NXL B . 7.06 8.30 -2.46
H5 NXL B . 9.28 9.91 -3.24
H6 NXL B . 10.31 9.13 -3.96
H7 NXL B . 8.42 9.82 -1.27
H8 NXL B . 7.24 9.19 -0.44
H9 NXL B . 9.98 8.61 -0.19
H10 NXL B . 9.02 9.13 0.96
H11 NXL B . 9.71 6.88 1.18
H12 NXL B . 7.35 6.18 1.39
#